data_7KE2
#
_entry.id   7KE2
#
_cell.length_a   78.446
_cell.length_b   94.063
_cell.length_c   97.203
_cell.angle_alpha   90.000
_cell.angle_beta   90.000
_cell.angle_gamma   90.000
#
_symmetry.space_group_name_H-M   'P 21 21 21'
#
loop_
_entity.id
_entity.type
_entity.pdbx_description
1 polymer 'Ketol-acid reductoisomerase (NADP(+))'
2 non-polymer 'MAGNESIUM ION'
3 non-polymer 6-hydroxy-2-methyl[1,3]thiazolo[4,5-d]pyrimidine-5,7(4H,6H)-dione
4 water water
#
_entity_poly.entity_id   1
_entity_poly.type   'polypeptide(L)'
_entity_poly.pdbx_seq_one_letter_code
;MTTVYYDQDVKTDALQGKKIAVVGYGSQGHAHAQNLKDNGYDVVIGIRPGRSFDKAKEDGFDVFPVAEAVKQADVIMVLL
PDEIQGDVYKNEIEPNLEKHNALAFAHGFNIHFGVIQPPADVDVFLVAPKGPGHLVRRTFVEGSAVPSLFGIQQDASGQA
RNIALSYAKGIGATRAGVIETTFKEETETDLFGEQAVLCGGVSKLIQSGFETLVEAGYQPELAYFEVLHEMKLIVDLMYE
GGMENVRYSISNTAEFGDYVSGPRVITPDVKENMKAVLTDIQNGNFSNRFIEDNKNGFKEFYKLREEQHGHQIEKVGREL
REMMPFIKSKSIEKHHHHHH
;
_entity_poly.pdbx_strand_id   B,A
#
# COMPACT_ATOMS: atom_id res chain seq x y z
N THR A 2 12.35 22.12 6.57
CA THR A 2 11.12 22.30 7.33
C THR A 2 10.30 23.49 6.80
N THR A 3 10.89 24.22 5.86
CA THR A 3 10.23 25.34 5.22
C THR A 3 9.78 24.93 3.81
N VAL A 4 8.65 25.51 3.39
CA VAL A 4 7.97 25.11 2.15
C VAL A 4 7.63 26.37 1.36
N TYR A 5 7.73 26.28 0.03
CA TYR A 5 7.48 27.39 -0.86
C TYR A 5 6.24 27.11 -1.71
N TYR A 6 5.39 28.12 -1.85
CA TYR A 6 4.15 28.02 -2.61
C TYR A 6 4.15 29.07 -3.72
N ASP A 7 2.97 29.26 -4.33
CA ASP A 7 2.84 30.29 -5.37
C ASP A 7 2.94 31.70 -4.79
N GLN A 8 2.70 31.87 -3.49
CA GLN A 8 2.79 33.18 -2.87
C GLN A 8 4.22 33.57 -2.51
N ASP A 9 5.17 32.65 -2.61
CA ASP A 9 6.56 32.92 -2.25
C ASP A 9 7.44 33.17 -3.47
N VAL A 10 6.95 32.90 -4.68
CA VAL A 10 7.72 33.12 -5.90
C VAL A 10 7.42 34.51 -6.44
N LYS A 11 7.95 35.53 -5.76
CA LYS A 11 7.58 36.92 -6.04
C LYS A 11 7.96 37.35 -7.45
N THR A 12 9.02 36.76 -8.01
CA THR A 12 9.56 37.19 -9.29
C THR A 12 9.69 35.99 -10.22
N ASP A 13 9.27 36.16 -11.47
CA ASP A 13 9.35 35.12 -12.48
C ASP A 13 10.62 35.32 -13.31
N ALA A 14 11.50 34.34 -13.29
CA ALA A 14 12.75 34.41 -14.05
C ALA A 14 12.62 33.83 -15.44
N LEU A 15 11.64 32.96 -15.68
CA LEU A 15 11.49 32.30 -16.97
C LEU A 15 10.86 33.17 -18.03
N GLN A 16 10.47 34.40 -17.70
CA GLN A 16 9.81 35.26 -18.68
C GLN A 16 10.78 35.65 -19.78
N GLY A 17 10.38 35.38 -21.02
CA GLY A 17 11.23 35.69 -22.17
C GLY A 17 12.39 34.76 -22.37
N LYS A 18 12.22 33.46 -22.09
CA LYS A 18 13.28 32.48 -22.23
C LYS A 18 12.73 31.24 -22.89
N LYS A 19 13.39 30.79 -23.97
CA LYS A 19 13.00 29.56 -24.64
C LYS A 19 13.47 28.35 -23.85
N ILE A 20 12.54 27.45 -23.56
CA ILE A 20 12.79 26.27 -22.73
C ILE A 20 12.65 25.04 -23.60
N ALA A 21 13.63 24.15 -23.52
CA ALA A 21 13.60 22.89 -24.26
C ALA A 21 13.51 21.73 -23.27
N VAL A 22 12.54 20.86 -23.48
CA VAL A 22 12.36 19.66 -22.66
C VAL A 22 12.77 18.46 -23.51
N VAL A 23 13.93 17.90 -23.21
CA VAL A 23 14.48 16.79 -23.99
C VAL A 23 13.67 15.54 -23.69
N GLY A 24 13.02 15.00 -24.72
CA GLY A 24 12.19 13.81 -24.58
C GLY A 24 10.71 14.15 -24.57
N TYR A 25 9.90 13.11 -24.73
CA TYR A 25 8.45 13.28 -24.76
C TYR A 25 7.76 12.06 -24.17
N GLY A 26 8.17 11.65 -22.98
CA GLY A 26 7.45 10.65 -22.23
C GLY A 26 6.21 11.25 -21.58
N SER A 27 5.63 10.49 -20.65
CA SER A 27 4.49 11.01 -19.90
C SER A 27 4.92 12.18 -19.02
N GLN A 28 6.18 12.22 -18.59
CA GLN A 28 6.67 13.37 -17.84
C GLN A 28 7.09 14.51 -18.76
N GLY A 29 7.65 14.18 -19.93
CA GLY A 29 8.04 15.22 -20.86
C GLY A 29 6.86 15.98 -21.42
N HIS A 30 5.73 15.29 -21.63
CA HIS A 30 4.53 15.96 -22.12
C HIS A 30 3.84 16.76 -21.02
N ALA A 31 3.90 16.28 -19.77
CA ALA A 31 3.29 17.01 -18.67
C ALA A 31 3.97 18.36 -18.46
N HIS A 32 5.30 18.39 -18.51
CA HIS A 32 6.02 19.65 -18.38
C HIS A 32 5.77 20.55 -19.57
N ALA A 33 5.79 19.97 -20.78
CA ALA A 33 5.81 20.78 -21.99
C ALA A 33 4.53 21.59 -22.17
N GLN A 34 3.38 20.99 -21.88
CA GLN A 34 2.13 21.71 -22.06
C GLN A 34 1.70 22.48 -20.81
N ASN A 35 2.26 22.17 -19.64
CA ASN A 35 1.95 22.95 -18.46
C ASN A 35 2.56 24.35 -18.56
N LEU A 36 3.81 24.45 -19.01
CA LEU A 36 4.43 25.75 -19.17
C LEU A 36 3.84 26.51 -20.36
N LYS A 37 3.48 25.79 -21.43
CA LYS A 37 2.86 26.42 -22.58
C LYS A 37 1.49 26.98 -22.23
N ASP A 38 0.75 26.32 -21.34
CA ASP A 38 -0.54 26.83 -20.91
C ASP A 38 -0.41 28.00 -19.95
N ASN A 39 0.76 28.17 -19.33
CA ASN A 39 0.99 29.27 -18.40
C ASN A 39 1.82 30.40 -19.02
N GLY A 40 1.93 30.43 -20.35
CA GLY A 40 2.61 31.51 -21.01
C GLY A 40 4.12 31.39 -20.99
N TYR A 41 4.64 30.33 -21.61
CA TYR A 41 6.08 30.12 -21.71
C TYR A 41 6.38 29.49 -23.07
N ASP A 42 7.54 29.87 -23.62
CA ASP A 42 7.97 29.38 -24.93
C ASP A 42 8.68 28.04 -24.74
N VAL A 43 8.03 26.95 -25.13
CA VAL A 43 8.59 25.62 -24.98
C VAL A 43 8.79 25.00 -26.35
N VAL A 44 9.78 24.12 -26.45
CA VAL A 44 10.12 23.40 -27.67
C VAL A 44 10.56 22.00 -27.29
N ILE A 45 10.05 21.00 -28.00
CA ILE A 45 10.41 19.61 -27.73
C ILE A 45 11.70 19.27 -28.47
N GLY A 46 12.59 18.56 -27.78
CA GLY A 46 13.78 18.01 -28.42
C GLY A 46 13.81 16.51 -28.29
N ILE A 47 13.73 15.79 -29.42
CA ILE A 47 13.63 14.34 -29.39
C ILE A 47 14.13 13.81 -30.72
N ARG A 48 14.62 12.56 -30.72
CA ARG A 48 15.03 11.91 -31.93
C ARG A 48 13.82 11.59 -32.82
N PRO A 49 14.03 11.41 -34.12
CA PRO A 49 12.92 11.03 -34.99
C PRO A 49 12.38 9.65 -34.64
N GLY A 50 11.06 9.55 -34.58
CA GLY A 50 10.40 8.31 -34.20
C GLY A 50 8.91 8.54 -34.11
N ARG A 51 8.22 7.51 -33.60
CA ARG A 51 6.77 7.58 -33.49
C ARG A 51 6.33 8.62 -32.45
N SER A 52 7.19 8.89 -31.46
CA SER A 52 6.89 9.89 -30.44
C SER A 52 7.42 11.28 -30.80
N PHE A 53 8.23 11.40 -31.86
CA PHE A 53 8.67 12.70 -32.34
C PHE A 53 7.47 13.49 -32.83
N ASP A 54 6.85 13.03 -33.92
CA ASP A 54 5.65 13.68 -34.46
C ASP A 54 4.45 13.52 -33.55
N LYS A 55 4.48 12.55 -32.63
CA LYS A 55 3.49 12.51 -31.56
C LYS A 55 3.50 13.81 -30.77
N ALA A 56 4.69 14.36 -30.52
CA ALA A 56 4.78 15.68 -29.89
C ALA A 56 4.38 16.79 -30.85
N LYS A 57 4.61 16.59 -32.15
CA LYS A 57 4.22 17.60 -33.13
C LYS A 57 2.72 17.64 -33.32
N GLU A 58 2.06 16.47 -33.37
CA GLU A 58 0.61 16.41 -33.54
C GLU A 58 -0.14 16.83 -32.29
N ASP A 59 0.55 17.07 -31.18
CA ASP A 59 -0.07 17.52 -29.94
C ASP A 59 -0.04 19.03 -29.79
N GLY A 60 0.44 19.76 -30.78
CA GLY A 60 0.50 21.20 -30.72
C GLY A 60 1.86 21.79 -30.43
N PHE A 61 2.94 21.01 -30.58
CA PHE A 61 4.29 21.49 -30.34
C PHE A 61 5.06 21.53 -31.66
N ASP A 62 5.97 22.49 -31.76
CA ASP A 62 6.93 22.57 -32.86
C ASP A 62 8.23 21.98 -32.34
N VAL A 63 8.55 20.79 -32.79
CA VAL A 63 9.56 19.96 -32.17
C VAL A 63 10.78 19.88 -33.10
N PHE A 64 11.96 20.00 -32.50
CA PHE A 64 13.21 19.96 -33.26
C PHE A 64 14.06 18.80 -32.74
N PRO A 65 15.15 18.42 -33.41
CA PRO A 65 16.09 17.47 -32.81
C PRO A 65 16.69 18.03 -31.52
N VAL A 66 17.25 17.12 -30.72
CA VAL A 66 17.77 17.50 -29.42
C VAL A 66 18.89 18.52 -29.55
N ALA A 67 19.75 18.36 -30.56
CA ALA A 67 20.89 19.26 -30.72
C ALA A 67 20.43 20.69 -30.98
N GLU A 68 19.48 20.87 -31.90
CA GLU A 68 19.02 22.21 -32.23
C GLU A 68 18.11 22.79 -31.16
N ALA A 69 17.30 21.95 -30.51
CA ALA A 69 16.44 22.43 -29.43
C ALA A 69 17.25 22.96 -28.26
N VAL A 70 18.41 22.36 -27.99
CA VAL A 70 19.27 22.83 -26.91
C VAL A 70 19.95 24.14 -27.29
N LYS A 71 20.27 24.31 -28.58
CA LYS A 71 20.97 25.51 -29.01
C LYS A 71 20.09 26.75 -28.86
N GLN A 72 18.87 26.69 -29.39
CA GLN A 72 17.97 27.84 -29.38
C GLN A 72 17.29 28.06 -28.04
N ALA A 73 17.63 27.28 -27.02
CA ALA A 73 17.01 27.38 -25.71
C ALA A 73 18.02 27.83 -24.67
N ASP A 74 17.50 28.38 -23.56
CA ASP A 74 18.32 28.81 -22.43
C ASP A 74 18.17 27.92 -21.22
N VAL A 75 17.07 27.18 -21.09
CA VAL A 75 16.84 26.25 -20.00
C VAL A 75 16.54 24.89 -20.63
N ILE A 76 17.40 23.92 -20.40
CA ILE A 76 17.28 22.59 -20.99
C ILE A 76 16.89 21.61 -19.89
N MET A 77 15.74 20.97 -20.05
CA MET A 77 15.22 20.02 -19.08
C MET A 77 15.27 18.62 -19.69
N VAL A 78 15.94 17.70 -19.00
CA VAL A 78 16.16 16.35 -19.49
C VAL A 78 15.23 15.42 -18.73
N LEU A 79 14.25 14.85 -19.43
CA LEU A 79 13.28 13.93 -18.85
C LEU A 79 13.31 12.62 -19.64
N LEU A 80 14.41 11.90 -19.52
CA LEU A 80 14.61 10.61 -20.15
C LEU A 80 15.13 9.63 -19.12
N PRO A 81 15.00 8.32 -19.38
CA PRO A 81 15.46 7.33 -18.40
C PRO A 81 16.92 7.51 -18.04
N ASP A 82 17.28 7.02 -16.85
CA ASP A 82 18.65 7.17 -16.36
C ASP A 82 19.67 6.44 -17.24
N GLU A 83 19.23 5.43 -18.00
CA GLU A 83 20.15 4.68 -18.84
C GLU A 83 20.56 5.46 -20.09
N ILE A 84 19.70 6.36 -20.56
CA ILE A 84 19.96 7.07 -21.82
C ILE A 84 20.47 8.49 -21.61
N GLN A 85 20.30 9.07 -20.42
CA GLN A 85 20.65 10.48 -20.22
C GLN A 85 22.13 10.73 -20.46
N GLY A 86 22.99 9.79 -20.05
CA GLY A 86 24.42 10.00 -20.20
C GLY A 86 24.87 10.10 -21.63
N ASP A 87 24.23 9.37 -22.55
CA ASP A 87 24.70 9.31 -23.92
C ASP A 87 24.25 10.54 -24.72
N VAL A 88 22.95 10.87 -24.67
CA VAL A 88 22.46 12.00 -25.46
C VAL A 88 22.92 13.34 -24.89
N TYR A 89 23.36 13.36 -23.63
CA TYR A 89 23.93 14.60 -23.09
C TYR A 89 25.32 14.84 -23.67
N LYS A 90 26.16 13.81 -23.69
CA LYS A 90 27.52 13.95 -24.21
C LYS A 90 27.52 14.19 -25.71
N ASN A 91 26.59 13.59 -26.44
CA ASN A 91 26.60 13.66 -27.90
C ASN A 91 25.72 14.75 -28.47
N GLU A 92 24.67 15.17 -27.77
CA GLU A 92 23.74 16.15 -28.33
C GLU A 92 23.59 17.40 -27.48
N ILE A 93 23.65 17.28 -26.16
CA ILE A 93 23.37 18.41 -25.28
C ILE A 93 24.63 19.22 -25.03
N GLU A 94 25.65 18.55 -24.49
CA GLU A 94 26.86 19.26 -24.08
C GLU A 94 27.52 20.08 -25.19
N PRO A 95 27.69 19.58 -26.42
CA PRO A 95 28.32 20.42 -27.46
C PRO A 95 27.54 21.69 -27.76
N ASN A 96 26.21 21.65 -27.69
CA ASN A 96 25.38 22.80 -27.99
C ASN A 96 25.01 23.60 -26.74
N LEU A 97 25.59 23.28 -25.59
CA LEU A 97 25.32 24.01 -24.36
C LEU A 97 26.10 25.32 -24.35
N GLU A 98 25.40 26.41 -24.06
CA GLU A 98 25.98 27.75 -24.04
C GLU A 98 26.19 28.23 -22.61
N LYS A 99 26.90 29.34 -22.48
CA LYS A 99 27.20 29.89 -21.16
C LYS A 99 25.95 30.45 -20.51
N HIS A 100 25.89 30.32 -19.18
CA HIS A 100 24.80 30.80 -18.35
C HIS A 100 23.46 30.18 -18.73
N ASN A 101 23.48 29.00 -19.36
CA ASN A 101 22.27 28.25 -19.64
C ASN A 101 21.77 27.61 -18.34
N ALA A 102 20.77 26.74 -18.44
CA ALA A 102 20.21 26.09 -17.26
C ALA A 102 19.92 24.64 -17.59
N LEU A 103 20.65 23.72 -16.96
CA LEU A 103 20.41 22.30 -17.10
C LEU A 103 19.45 21.84 -16.00
N ALA A 104 18.35 21.20 -16.40
CA ALA A 104 17.30 20.82 -15.47
C ALA A 104 17.09 19.31 -15.49
N PHE A 105 16.63 18.78 -14.36
CA PHE A 105 16.33 17.36 -14.22
C PHE A 105 15.16 17.19 -13.26
N ALA A 106 14.46 16.07 -13.41
CA ALA A 106 13.46 15.66 -12.43
C ALA A 106 14.00 14.62 -11.46
N HIS A 107 15.18 14.07 -11.74
CA HIS A 107 15.83 13.11 -10.86
C HIS A 107 17.32 13.39 -10.90
N GLY A 108 18.00 13.11 -9.80
CA GLY A 108 19.40 13.44 -9.70
C GLY A 108 20.34 12.26 -9.78
N PHE A 109 19.95 11.22 -10.52
CA PHE A 109 20.79 10.03 -10.61
C PHE A 109 22.08 10.32 -11.38
N ASN A 110 21.95 10.83 -12.61
CA ASN A 110 23.11 11.00 -13.47
C ASN A 110 24.04 12.10 -12.97
N ILE A 111 23.50 13.10 -12.27
CA ILE A 111 24.33 14.18 -11.76
C ILE A 111 25.08 13.75 -10.51
N HIS A 112 24.36 13.18 -9.54
CA HIS A 112 24.97 12.84 -8.27
C HIS A 112 26.00 11.72 -8.40
N PHE A 113 25.82 10.83 -9.37
CA PHE A 113 26.73 9.70 -9.56
C PHE A 113 27.77 9.96 -10.64
N GLY A 114 27.91 11.20 -11.09
CA GLY A 114 28.98 11.57 -11.99
C GLY A 114 28.83 11.12 -13.43
N VAL A 115 27.70 10.53 -13.80
CA VAL A 115 27.49 10.13 -15.20
C VAL A 115 27.40 11.37 -16.09
N ILE A 116 26.73 12.41 -15.62
CA ILE A 116 26.62 13.68 -16.34
C ILE A 116 27.34 14.73 -15.51
N GLN A 117 28.49 15.20 -16.01
CA GLN A 117 29.28 16.23 -15.34
C GLN A 117 29.14 17.54 -16.10
N PRO A 118 28.30 18.45 -15.64
CA PRO A 118 28.00 19.66 -16.43
C PRO A 118 29.15 20.66 -16.35
N PRO A 119 29.22 21.59 -17.30
CA PRO A 119 30.24 22.64 -17.22
C PRO A 119 30.01 23.55 -16.03
N ALA A 120 31.05 24.32 -15.69
CA ALA A 120 30.98 25.19 -14.53
C ALA A 120 30.20 26.46 -14.78
N ASP A 121 30.03 26.86 -16.04
CA ASP A 121 29.36 28.11 -16.37
C ASP A 121 27.87 27.94 -16.65
N VAL A 122 27.30 26.77 -16.34
CA VAL A 122 25.90 26.51 -16.59
C VAL A 122 25.19 26.29 -15.26
N ASP A 123 23.91 26.66 -15.22
CA ASP A 123 23.09 26.45 -14.05
C ASP A 123 22.51 25.04 -14.06
N VAL A 124 22.55 24.38 -12.91
CA VAL A 124 22.04 23.01 -12.76
C VAL A 124 21.10 22.99 -11.57
N PHE A 125 19.82 22.69 -11.82
CA PHE A 125 18.83 22.58 -10.76
C PHE A 125 17.98 21.33 -10.98
N LEU A 126 17.07 21.09 -10.04
CA LEU A 126 16.23 19.90 -10.06
C LEU A 126 14.82 20.28 -9.59
N VAL A 127 13.81 19.70 -10.24
CA VAL A 127 12.41 19.84 -9.83
C VAL A 127 11.78 18.45 -9.93
N ALA A 128 11.51 17.83 -8.79
CA ALA A 128 11.02 16.45 -8.75
C ALA A 128 9.60 16.41 -8.22
N PRO A 129 8.59 16.27 -9.10
CA PRO A 129 7.22 16.12 -8.62
C PRO A 129 7.00 14.74 -8.00
N LYS A 130 5.95 14.66 -7.17
CA LYS A 130 5.60 13.40 -6.51
C LYS A 130 4.13 13.03 -6.66
N GLY A 131 3.29 13.90 -7.20
CA GLY A 131 1.90 13.59 -7.46
C GLY A 131 1.74 12.55 -8.55
N PRO A 132 2.08 12.92 -9.79
CA PRO A 132 2.08 11.98 -10.93
C PRO A 132 3.37 11.16 -11.04
N SER A 144 -5.38 14.66 -6.05
CA SER A 144 -4.52 14.81 -4.89
C SER A 144 -3.43 15.84 -5.15
N ALA A 145 -2.75 16.27 -4.08
CA ALA A 145 -1.69 17.27 -4.18
C ALA A 145 -0.69 17.02 -3.05
N VAL A 146 0.56 16.76 -3.43
CA VAL A 146 1.62 16.51 -2.45
C VAL A 146 2.78 17.47 -2.74
N PRO A 147 3.59 17.82 -1.75
CA PRO A 147 4.72 18.72 -2.00
C PRO A 147 5.76 18.07 -2.91
N SER A 148 6.48 18.92 -3.63
CA SER A 148 7.52 18.51 -4.56
C SER A 148 8.89 18.90 -3.99
N LEU A 149 9.93 18.49 -4.70
CA LEU A 149 11.31 18.74 -4.30
C LEU A 149 11.99 19.67 -5.30
N PHE A 150 13.01 20.37 -4.82
CA PHE A 150 13.82 21.22 -5.69
C PHE A 150 15.19 21.41 -5.05
N GLY A 151 16.19 21.65 -5.89
CA GLY A 151 17.56 21.83 -5.44
C GLY A 151 18.39 22.51 -6.51
N ILE A 152 19.57 22.96 -6.11
CA ILE A 152 20.48 23.69 -6.99
C ILE A 152 21.87 23.07 -6.86
N GLN A 153 22.38 22.54 -7.97
CA GLN A 153 23.75 22.02 -7.99
C GLN A 153 24.76 23.14 -8.16
N GLN A 154 24.56 23.98 -9.18
CA GLN A 154 25.47 25.07 -9.48
C GLN A 154 24.69 26.35 -9.71
N ASP A 155 25.33 27.48 -9.41
CA ASP A 155 24.71 28.80 -9.55
C ASP A 155 25.70 29.71 -10.30
N ALA A 156 25.73 29.58 -11.62
CA ALA A 156 26.64 30.38 -12.42
C ALA A 156 26.08 31.76 -12.70
N SER A 157 24.83 31.83 -13.17
CA SER A 157 24.20 33.10 -13.50
C SER A 157 23.81 33.91 -12.27
N GLY A 158 23.88 33.34 -11.08
CA GLY A 158 23.38 33.99 -9.88
C GLY A 158 21.88 33.94 -9.71
N GLN A 159 21.15 33.30 -10.64
CA GLN A 159 19.70 33.21 -10.59
C GLN A 159 19.21 31.76 -10.65
N ALA A 160 20.07 30.80 -10.32
CA ALA A 160 19.71 29.38 -10.47
C ALA A 160 18.53 29.01 -9.57
N ARG A 161 18.44 29.61 -8.39
CA ARG A 161 17.31 29.32 -7.51
C ARG A 161 16.05 30.02 -7.96
N ASN A 162 16.16 31.23 -8.50
CA ASN A 162 14.99 31.93 -9.03
C ASN A 162 14.43 31.22 -10.25
N ILE A 163 15.29 30.73 -11.13
CA ILE A 163 14.84 30.00 -12.31
C ILE A 163 14.21 28.68 -11.91
N ALA A 164 14.76 28.02 -10.89
CA ALA A 164 14.24 26.73 -10.47
C ALA A 164 12.86 26.86 -9.83
N LEU A 165 12.66 27.88 -8.99
CA LEU A 165 11.39 28.03 -8.28
C LEU A 165 10.28 28.46 -9.21
N SER A 166 10.58 29.36 -10.15
CA SER A 166 9.57 29.78 -11.13
C SER A 166 9.29 28.66 -12.13
N TYR A 167 10.28 27.81 -12.41
CA TYR A 167 10.02 26.63 -13.23
C TYR A 167 9.14 25.63 -12.49
N ALA A 168 9.21 25.61 -11.15
CA ALA A 168 8.35 24.72 -10.38
C ALA A 168 6.88 25.08 -10.55
N LYS A 169 6.55 26.37 -10.70
CA LYS A 169 5.17 26.75 -10.98
C LYS A 169 4.82 26.59 -12.44
N GLY A 170 5.80 26.77 -13.34
CA GLY A 170 5.55 26.52 -14.75
C GLY A 170 4.98 25.13 -15.01
N ILE A 171 5.53 24.12 -14.33
CA ILE A 171 4.96 22.79 -14.43
C ILE A 171 3.76 22.61 -13.50
N GLY A 172 3.57 23.53 -12.56
CA GLY A 172 2.45 23.44 -11.63
C GLY A 172 2.76 22.64 -10.38
N ALA A 173 3.99 22.72 -9.88
CA ALA A 173 4.40 22.00 -8.69
C ALA A 173 4.40 22.87 -7.44
N THR A 174 3.97 24.12 -7.53
CA THR A 174 4.04 25.02 -6.38
C THR A 174 2.81 24.91 -5.49
N ARG A 175 1.62 24.70 -6.07
CA ARG A 175 0.38 24.87 -5.33
C ARG A 175 0.27 23.93 -4.13
N ALA A 176 0.94 22.79 -4.15
CA ALA A 176 1.00 21.92 -3.00
C ALA A 176 2.25 22.13 -2.16
N GLY A 177 3.19 22.92 -2.65
CA GLY A 177 4.40 23.22 -1.91
C GLY A 177 5.63 22.60 -2.54
N VAL A 178 6.78 23.23 -2.30
CA VAL A 178 8.07 22.75 -2.79
C VAL A 178 9.06 22.78 -1.63
N ILE A 179 9.68 21.64 -1.35
CA ILE A 179 10.64 21.51 -0.25
C ILE A 179 12.04 21.44 -0.84
N GLU A 180 12.99 22.13 -0.20
CA GLU A 180 14.35 22.19 -0.68
C GLU A 180 15.12 20.92 -0.32
N THR A 181 16.04 20.54 -1.20
CA THR A 181 16.90 19.38 -0.97
C THR A 181 18.11 19.50 -1.88
N THR A 182 19.03 18.54 -1.77
CA THR A 182 20.19 18.46 -2.63
C THR A 182 20.06 17.25 -3.54
N PHE A 183 20.87 17.25 -4.61
CA PHE A 183 20.89 16.10 -5.53
C PHE A 183 21.31 14.83 -4.80
N LYS A 184 22.25 14.93 -3.88
CA LYS A 184 22.65 13.77 -3.09
C LYS A 184 21.47 13.22 -2.29
N GLU A 185 20.73 14.11 -1.63
CA GLU A 185 19.64 13.65 -0.77
C GLU A 185 18.46 13.15 -1.59
N GLU A 186 18.11 13.84 -2.68
CA GLU A 186 17.00 13.40 -3.51
C GLU A 186 17.27 12.04 -4.12
N THR A 187 18.49 11.80 -4.59
CA THR A 187 18.82 10.54 -5.26
C THR A 187 18.92 9.39 -4.28
N GLU A 188 19.60 9.58 -3.15
CA GLU A 188 19.84 8.47 -2.24
C GLU A 188 18.57 8.07 -1.50
N THR A 189 17.74 9.04 -1.11
CA THR A 189 16.48 8.69 -0.45
C THR A 189 15.53 8.01 -1.41
N ASP A 190 15.51 8.45 -2.68
CA ASP A 190 14.64 7.81 -3.66
C ASP A 190 15.11 6.38 -3.94
N LEU A 191 16.43 6.17 -4.05
CA LEU A 191 16.93 4.84 -4.33
C LEU A 191 16.76 3.91 -3.13
N PHE A 192 16.99 4.43 -1.92
CA PHE A 192 16.83 3.61 -0.73
C PHE A 192 15.38 3.22 -0.51
N GLY A 193 14.45 4.16 -0.73
CA GLY A 193 13.04 3.85 -0.54
C GLY A 193 12.57 2.70 -1.42
N GLU A 194 12.97 2.70 -2.69
CA GLU A 194 12.61 1.62 -3.59
C GLU A 194 13.29 0.31 -3.19
N GLN A 195 14.56 0.37 -2.78
CA GLN A 195 15.31 -0.86 -2.56
C GLN A 195 15.07 -1.46 -1.20
N ALA A 196 14.74 -0.65 -0.19
CA ALA A 196 14.64 -1.14 1.17
C ALA A 196 13.21 -1.31 1.67
N VAL A 197 12.26 -0.56 1.12
CA VAL A 197 10.90 -0.59 1.65
C VAL A 197 9.89 -0.77 0.52
N LEU A 198 9.82 0.20 -0.39
CA LEU A 198 8.67 0.32 -1.29
C LEU A 198 8.51 -0.92 -2.17
N CYS A 199 9.54 -1.26 -2.94
CA CYS A 199 9.49 -2.35 -3.90
C CYS A 199 10.29 -3.57 -3.41
N GLY A 200 11.58 -3.40 -3.15
CA GLY A 200 12.39 -4.53 -2.73
C GLY A 200 11.94 -5.11 -1.40
N GLY A 201 11.75 -4.24 -0.41
CA GLY A 201 11.43 -4.73 0.92
C GLY A 201 10.04 -5.31 1.04
N VAL A 202 9.04 -4.64 0.45
CA VAL A 202 7.66 -5.06 0.66
C VAL A 202 7.35 -6.32 -0.15
N SER A 203 7.74 -6.33 -1.43
CA SER A 203 7.42 -7.48 -2.27
C SER A 203 8.13 -8.75 -1.79
N LYS A 204 9.38 -8.63 -1.35
CA LYS A 204 10.05 -9.79 -0.79
C LYS A 204 9.40 -10.21 0.52
N LEU A 205 8.92 -9.25 1.31
CA LEU A 205 8.18 -9.57 2.53
C LEU A 205 6.88 -10.28 2.20
N ILE A 206 6.18 -9.83 1.15
CA ILE A 206 4.94 -10.48 0.76
C ILE A 206 5.21 -11.88 0.22
N GLN A 207 6.28 -12.03 -0.57
CA GLN A 207 6.63 -13.36 -1.09
C GLN A 207 6.89 -14.34 0.06
N SER A 208 7.76 -13.95 0.99
CA SER A 208 8.07 -14.81 2.14
C SER A 208 6.83 -15.11 2.97
N GLY A 209 5.90 -14.16 3.08
CA GLY A 209 4.66 -14.43 3.77
C GLY A 209 3.77 -15.38 3.00
N PHE A 210 3.71 -15.23 1.68
CA PHE A 210 2.92 -16.13 0.86
C PHE A 210 3.50 -17.54 0.86
N GLU A 211 4.82 -17.66 0.68
CA GLU A 211 5.44 -18.98 0.70
C GLU A 211 5.24 -19.68 2.04
N THR A 212 5.24 -18.91 3.13
CA THR A 212 5.06 -19.51 4.45
C THR A 212 3.69 -20.17 4.57
N LEU A 213 2.65 -19.55 4.01
CA LEU A 213 1.30 -20.09 4.13
C LEU A 213 1.08 -21.26 3.17
N VAL A 214 1.65 -21.22 1.97
CA VAL A 214 1.46 -22.33 1.04
C VAL A 214 2.27 -23.55 1.49
N GLU A 215 3.48 -23.33 2.03
CA GLU A 215 4.28 -24.45 2.53
C GLU A 215 3.70 -25.05 3.79
N ALA A 216 2.79 -24.35 4.46
CA ALA A 216 2.11 -24.86 5.64
C ALA A 216 0.84 -25.64 5.32
N GLY A 217 0.43 -25.66 4.06
CA GLY A 217 -0.73 -26.41 3.64
C GLY A 217 -2.00 -25.60 3.43
N TYR A 218 -1.94 -24.28 3.52
CA TYR A 218 -3.13 -23.47 3.32
C TYR A 218 -3.41 -23.26 1.83
N GLN A 219 -4.63 -22.86 1.52
CA GLN A 219 -5.02 -22.62 0.13
C GLN A 219 -4.27 -21.42 -0.42
N PRO A 220 -3.68 -21.52 -1.63
CA PRO A 220 -2.96 -20.37 -2.18
C PRO A 220 -3.84 -19.16 -2.42
N GLU A 221 -5.14 -19.34 -2.59
CA GLU A 221 -6.03 -18.20 -2.80
C GLU A 221 -6.18 -17.38 -1.53
N LEU A 222 -6.49 -18.04 -0.41
CA LEU A 222 -6.57 -17.33 0.86
C LEU A 222 -5.20 -16.80 1.26
N ALA A 223 -4.12 -17.49 0.88
CA ALA A 223 -2.79 -16.98 1.16
C ALA A 223 -2.49 -15.72 0.36
N TYR A 224 -3.04 -15.62 -0.86
CA TYR A 224 -2.82 -14.43 -1.67
C TYR A 224 -3.60 -13.24 -1.12
N PHE A 225 -4.77 -13.49 -0.54
CA PHE A 225 -5.58 -12.41 0.02
C PHE A 225 -4.89 -11.77 1.22
N GLU A 226 -4.47 -12.59 2.18
CA GLU A 226 -4.06 -12.08 3.48
C GLU A 226 -2.63 -11.53 3.51
N VAL A 227 -1.90 -11.54 2.40
CA VAL A 227 -0.54 -11.02 2.43
C VAL A 227 -0.34 -9.97 1.34
N LEU A 228 -1.31 -9.85 0.44
CA LEU A 228 -1.19 -8.91 -0.67
C LEU A 228 -2.49 -8.15 -0.92
N HIS A 229 -3.57 -8.89 -1.18
CA HIS A 229 -4.80 -8.24 -1.64
C HIS A 229 -5.40 -7.33 -0.57
N GLU A 230 -5.29 -7.71 0.70
CA GLU A 230 -5.82 -6.90 1.78
C GLU A 230 -4.92 -5.72 2.13
N MET A 231 -3.74 -5.61 1.51
CA MET A 231 -2.82 -4.54 1.87
C MET A 231 -3.31 -3.18 1.38
N LYS A 232 -4.09 -3.15 0.31
CA LYS A 232 -4.54 -1.87 -0.24
C LYS A 232 -5.38 -1.11 0.77
N LEU A 233 -6.21 -1.82 1.56
CA LEU A 233 -7.00 -1.16 2.59
C LEU A 233 -6.10 -0.59 3.67
N ILE A 234 -5.06 -1.33 4.06
CA ILE A 234 -4.18 -0.88 5.14
C ILE A 234 -3.36 0.33 4.69
N VAL A 235 -2.78 0.26 3.49
CA VAL A 235 -1.96 1.36 2.99
C VAL A 235 -2.81 2.60 2.71
N ASP A 236 -4.09 2.42 2.34
CA ASP A 236 -4.96 3.57 2.16
C ASP A 236 -5.19 4.29 3.49
N LEU A 237 -5.37 3.54 4.58
CA LEU A 237 -5.54 4.16 5.89
C LEU A 237 -4.25 4.83 6.35
N MET A 238 -3.10 4.24 6.01
CA MET A 238 -1.83 4.87 6.36
C MET A 238 -1.56 6.09 5.49
N TYR A 239 -2.08 6.11 4.27
CA TYR A 239 -1.91 7.28 3.41
C TYR A 239 -2.77 8.44 3.89
N GLU A 240 -3.97 8.16 4.40
CA GLU A 240 -4.90 9.22 4.80
C GLU A 240 -4.54 9.79 6.17
N GLY A 241 -4.43 8.93 7.18
CA GLY A 241 -4.22 9.40 8.53
C GLY A 241 -2.97 8.86 9.21
N GLY A 242 -1.97 8.52 8.41
CA GLY A 242 -0.70 8.03 8.96
C GLY A 242 -0.82 6.65 9.57
N MET A 243 0.29 6.24 10.18
CA MET A 243 0.35 4.91 10.78
C MET A 243 -0.62 4.78 11.95
N GLU A 244 -0.90 5.89 12.65
CA GLU A 244 -1.82 5.85 13.78
C GLU A 244 -3.23 5.50 13.33
N ASN A 245 -3.60 5.89 12.11
CA ASN A 245 -4.93 5.54 11.59
C ASN A 245 -5.05 4.04 11.32
N VAL A 246 -3.93 3.37 11.02
CA VAL A 246 -3.98 1.92 10.82
C VAL A 246 -4.34 1.21 12.11
N ARG A 247 -3.59 1.46 13.19
CA ARG A 247 -3.90 0.84 14.47
C ARG A 247 -5.27 1.25 15.01
N TYR A 248 -5.78 2.40 14.58
CA TYR A 248 -7.07 2.86 15.07
C TYR A 248 -8.23 2.16 14.38
N SER A 249 -8.07 1.80 13.11
CA SER A 249 -9.15 1.20 12.34
C SER A 249 -9.15 -0.32 12.35
N ILE A 250 -7.99 -0.94 12.52
CA ILE A 250 -7.97 -2.39 12.53
C ILE A 250 -8.48 -2.91 13.86
N SER A 251 -8.85 -4.18 13.89
CA SER A 251 -9.38 -4.78 15.10
C SER A 251 -8.29 -4.80 16.19
N ASN A 252 -8.73 -5.01 17.43
CA ASN A 252 -7.78 -5.11 18.53
C ASN A 252 -6.85 -6.31 18.35
N THR A 253 -7.38 -7.42 17.81
CA THR A 253 -6.55 -8.59 17.58
C THR A 253 -5.46 -8.30 16.56
N ALA A 254 -5.82 -7.66 15.45
CA ALA A 254 -4.82 -7.27 14.47
C ALA A 254 -3.85 -6.24 15.04
N GLU A 255 -4.36 -5.31 15.86
CA GLU A 255 -3.50 -4.32 16.48
C GLU A 255 -2.56 -4.96 17.49
N PHE A 256 -3.07 -5.93 18.27
CA PHE A 256 -2.21 -6.62 19.24
C PHE A 256 -1.15 -7.45 18.54
N GLY A 257 -1.53 -8.16 17.47
CA GLY A 257 -0.55 -8.91 16.71
C GLY A 257 0.48 -8.03 16.03
N ASP A 258 0.07 -6.83 15.61
CA ASP A 258 1.01 -5.87 15.05
C ASP A 258 2.15 -5.60 16.01
N TYR A 259 1.82 -5.36 17.30
CA TYR A 259 2.83 -4.97 18.27
C TYR A 259 3.72 -6.14 18.68
N VAL A 260 3.14 -7.33 18.86
CA VAL A 260 3.89 -8.44 19.44
C VAL A 260 4.65 -9.27 18.41
N SER A 261 4.28 -9.20 17.13
CA SER A 261 4.94 -9.99 16.10
C SER A 261 5.72 -9.19 15.08
N GLY A 262 5.40 -7.91 14.88
CA GLY A 262 6.16 -7.05 14.00
C GLY A 262 7.64 -7.04 14.31
N PRO A 263 8.02 -6.73 15.56
CA PRO A 263 9.44 -6.82 15.94
C PRO A 263 10.00 -8.22 15.86
N ARG A 264 9.16 -9.26 15.87
CA ARG A 264 9.67 -10.62 15.69
C ARG A 264 10.07 -10.86 14.23
N VAL A 265 9.25 -10.40 13.29
CA VAL A 265 9.55 -10.59 11.87
C VAL A 265 10.68 -9.66 11.44
N ILE A 266 10.58 -8.39 11.77
CA ILE A 266 11.59 -7.40 11.42
C ILE A 266 12.46 -7.21 12.66
N THR A 267 13.52 -7.99 12.74
CA THR A 267 14.46 -7.94 13.85
C THR A 267 15.44 -6.80 13.64
N PRO A 268 16.23 -6.45 14.66
CA PRO A 268 17.25 -5.40 14.46
C PRO A 268 18.26 -5.70 13.37
N ASP A 269 18.48 -6.99 13.06
CA ASP A 269 19.39 -7.32 11.96
C ASP A 269 18.83 -6.88 10.61
N VAL A 270 17.49 -6.88 10.47
CA VAL A 270 16.87 -6.37 9.26
C VAL A 270 17.20 -4.89 9.06
N LYS A 271 17.26 -4.13 10.16
CA LYS A 271 17.55 -2.71 10.06
C LYS A 271 18.97 -2.47 9.54
N GLU A 272 19.95 -3.19 10.08
CA GLU A 272 21.32 -3.02 9.62
C GLU A 272 21.56 -3.60 8.23
N ASN A 273 20.67 -4.46 7.74
CA ASN A 273 20.71 -4.83 6.33
C ASN A 273 20.33 -3.65 5.45
N MET A 274 19.41 -2.80 5.93
CA MET A 274 19.06 -1.60 5.17
C MET A 274 20.20 -0.57 5.20
N LYS A 275 20.97 -0.53 6.29
CA LYS A 275 22.14 0.33 6.33
C LYS A 275 23.19 -0.12 5.32
N ALA A 276 23.29 -1.43 5.07
CA ALA A 276 24.19 -1.93 4.05
C ALA A 276 23.72 -1.51 2.66
N VAL A 277 22.40 -1.53 2.42
CA VAL A 277 21.86 -1.10 1.14
C VAL A 277 22.10 0.39 0.94
N LEU A 278 21.83 1.19 1.98
CA LEU A 278 22.06 2.62 1.90
C LEU A 278 23.54 2.93 1.71
N THR A 279 24.42 2.13 2.32
CA THR A 279 25.85 2.33 2.12
C THR A 279 26.23 2.09 0.66
N ASP A 280 25.73 1.01 0.06
CA ASP A 280 26.03 0.73 -1.35
C ASP A 280 25.41 1.76 -2.29
N ILE A 281 24.39 2.48 -1.84
CA ILE A 281 23.84 3.56 -2.66
C ILE A 281 24.67 4.83 -2.51
N GLN A 282 25.25 5.05 -1.32
CA GLN A 282 26.02 6.26 -1.09
C GLN A 282 27.36 6.22 -1.82
N ASN A 283 28.11 5.12 -1.68
CA ASN A 283 29.43 5.01 -2.30
C ASN A 283 29.37 4.72 -3.80
N GLY A 284 28.20 4.86 -4.43
CA GLY A 284 28.10 4.67 -5.86
C GLY A 284 28.23 3.25 -6.34
N ASN A 285 28.18 2.26 -5.45
CA ASN A 285 28.28 0.87 -5.89
C ASN A 285 27.06 0.45 -6.70
N PHE A 286 25.85 0.73 -6.18
CA PHE A 286 24.64 0.31 -6.88
C PHE A 286 24.52 1.00 -8.23
N SER A 287 24.95 2.27 -8.32
CA SER A 287 24.77 3.03 -9.55
C SER A 287 25.55 2.41 -10.70
N ASN A 288 26.86 2.24 -10.52
CA ASN A 288 27.66 1.69 -11.61
C ASN A 288 27.37 0.21 -11.85
N ARG A 289 26.89 -0.50 -10.84
CA ARG A 289 26.39 -1.86 -11.07
C ARG A 289 25.19 -1.85 -12.00
N PHE A 290 24.29 -0.89 -11.81
CA PHE A 290 23.15 -0.74 -12.71
C PHE A 290 23.60 -0.29 -14.09
N ILE A 291 24.59 0.60 -14.16
CA ILE A 291 25.10 1.06 -15.44
C ILE A 291 25.88 -0.05 -16.13
N GLU A 292 26.62 -0.86 -15.36
CA GLU A 292 27.38 -1.96 -15.94
C GLU A 292 26.46 -2.96 -16.64
N ASP A 293 25.32 -3.27 -16.02
CA ASP A 293 24.41 -4.22 -16.64
C ASP A 293 23.69 -3.61 -17.84
N ASN A 294 23.40 -2.32 -17.79
CA ASN A 294 22.78 -1.64 -18.93
C ASN A 294 23.72 -1.65 -20.13
N LYS A 295 25.01 -1.38 -19.91
CA LYS A 295 25.98 -1.39 -20.99
C LYS A 295 26.28 -2.79 -21.49
N ASN A 296 25.83 -3.82 -20.78
CA ASN A 296 25.98 -5.21 -21.22
C ASN A 296 24.70 -5.79 -21.80
N GLY A 297 23.71 -4.94 -22.07
CA GLY A 297 22.46 -5.39 -22.64
C GLY A 297 21.41 -5.83 -21.66
N PHE A 298 21.53 -5.43 -20.38
CA PHE A 298 20.55 -5.76 -19.35
C PHE A 298 20.36 -7.27 -19.23
N LYS A 299 21.47 -8.01 -19.31
CA LYS A 299 21.38 -9.47 -19.29
C LYS A 299 20.97 -9.97 -17.92
N GLU A 300 21.63 -9.49 -16.86
CA GLU A 300 21.24 -9.90 -15.51
C GLU A 300 19.91 -9.27 -15.10
N PHE A 301 19.60 -8.09 -15.63
CA PHE A 301 18.32 -7.44 -15.33
C PHE A 301 17.16 -8.30 -15.84
N TYR A 302 17.24 -8.75 -17.10
CA TYR A 302 16.13 -9.54 -17.65
C TYR A 302 16.11 -10.96 -17.10
N LYS A 303 17.26 -11.49 -16.66
CA LYS A 303 17.23 -12.76 -15.94
C LYS A 303 16.52 -12.63 -14.61
N LEU A 304 16.72 -11.51 -13.90
CA LEU A 304 16.09 -11.33 -12.61
C LEU A 304 14.58 -11.13 -12.75
N ARG A 305 14.15 -10.39 -13.78
CA ARG A 305 12.72 -10.14 -13.94
C ARG A 305 11.96 -11.37 -14.40
N GLU A 306 12.63 -12.33 -15.04
CA GLU A 306 11.96 -13.58 -15.39
C GLU A 306 11.86 -14.52 -14.19
N GLU A 307 12.84 -14.49 -13.30
CA GLU A 307 12.74 -15.26 -12.05
C GLU A 307 11.52 -14.82 -11.25
N GLN A 308 11.30 -13.51 -11.11
CA GLN A 308 10.16 -13.02 -10.36
C GLN A 308 8.84 -13.39 -11.04
N HIS A 309 8.80 -13.41 -12.37
CA HIS A 309 7.61 -13.82 -13.09
C HIS A 309 7.28 -15.29 -12.87
N GLY A 310 8.26 -16.10 -12.46
CA GLY A 310 8.04 -17.50 -12.19
C GLY A 310 7.57 -17.82 -10.80
N HIS A 311 7.47 -16.81 -9.94
CA HIS A 311 6.98 -17.04 -8.58
C HIS A 311 5.51 -17.46 -8.61
N GLN A 312 5.16 -18.39 -7.72
CA GLN A 312 3.78 -18.86 -7.62
C GLN A 312 2.82 -17.73 -7.31
N ILE A 313 3.29 -16.65 -6.68
CA ILE A 313 2.41 -15.57 -6.26
C ILE A 313 1.76 -14.89 -7.46
N GLU A 314 2.47 -14.80 -8.58
CA GLU A 314 1.96 -14.00 -9.70
C GLU A 314 0.86 -14.73 -10.46
N LYS A 315 1.02 -16.04 -10.70
CA LYS A 315 -0.02 -16.79 -11.39
C LYS A 315 -1.28 -16.90 -10.55
N VAL A 316 -1.13 -17.01 -9.22
CA VAL A 316 -2.30 -17.06 -8.35
C VAL A 316 -3.05 -15.73 -8.39
N GLY A 317 -2.31 -14.62 -8.52
CA GLY A 317 -2.97 -13.33 -8.64
C GLY A 317 -3.72 -13.17 -9.95
N ARG A 318 -3.16 -13.70 -11.04
CA ARG A 318 -3.83 -13.60 -12.33
C ARG A 318 -5.16 -14.35 -12.33
N GLU A 319 -5.15 -15.59 -11.83
CA GLU A 319 -6.38 -16.37 -11.78
C GLU A 319 -7.36 -15.85 -10.74
N LEU A 320 -6.89 -15.06 -9.77
CA LEU A 320 -7.78 -14.50 -8.77
C LEU A 320 -8.37 -13.16 -9.17
N ARG A 321 -7.65 -12.39 -10.00
CA ARG A 321 -8.16 -11.10 -10.43
C ARG A 321 -9.13 -11.22 -11.60
N GLU A 322 -9.10 -12.34 -12.34
CA GLU A 322 -10.00 -12.52 -13.47
C GLU A 322 -11.45 -12.72 -13.03
N MET A 323 -11.68 -13.14 -11.79
CA MET A 323 -13.03 -13.29 -11.26
C MET A 323 -13.49 -12.05 -10.51
N MET A 324 -12.87 -10.89 -10.77
CA MET A 324 -13.21 -9.64 -10.11
C MET A 324 -13.65 -8.62 -11.14
N PRO A 325 -14.88 -8.08 -11.06
CA PRO A 325 -15.35 -7.03 -11.97
C PRO A 325 -14.60 -5.72 -11.77
N THR B 2 -10.38 -26.32 -4.57
CA THR B 2 -10.93 -24.98 -4.78
C THR B 2 -12.40 -25.06 -5.18
N THR B 3 -13.29 -24.80 -4.23
CA THR B 3 -14.73 -24.80 -4.47
C THR B 3 -15.22 -23.36 -4.40
N VAL B 4 -15.72 -22.85 -5.53
CA VAL B 4 -16.19 -21.48 -5.64
C VAL B 4 -17.68 -21.51 -5.97
N TYR B 5 -18.48 -20.82 -5.15
CA TYR B 5 -19.92 -20.70 -5.36
C TYR B 5 -20.23 -19.27 -5.77
N TYR B 6 -21.04 -19.11 -6.82
CA TYR B 6 -21.43 -17.81 -7.33
C TYR B 6 -22.91 -17.58 -7.07
N ASP B 7 -23.43 -16.47 -7.60
CA ASP B 7 -24.84 -16.15 -7.43
C ASP B 7 -25.72 -17.18 -8.10
N GLN B 8 -25.35 -17.61 -9.32
CA GLN B 8 -26.12 -18.64 -10.02
C GLN B 8 -25.91 -20.02 -9.41
N ASP B 9 -24.80 -20.23 -8.70
CA ASP B 9 -24.58 -21.52 -8.05
C ASP B 9 -25.56 -21.71 -6.88
N VAL B 10 -25.89 -20.64 -6.18
CA VAL B 10 -26.88 -20.71 -5.10
C VAL B 10 -28.27 -20.67 -5.74
N LYS B 11 -29.03 -21.74 -5.54
CA LYS B 11 -30.28 -22.00 -6.24
C LYS B 11 -31.51 -21.72 -5.38
N THR B 12 -31.50 -22.17 -4.13
CA THR B 12 -32.64 -22.02 -3.23
C THR B 12 -32.42 -20.84 -2.29
N ASP B 13 -33.51 -20.38 -1.69
CA ASP B 13 -33.47 -19.28 -0.72
C ASP B 13 -33.76 -19.88 0.65
N ALA B 14 -32.73 -20.49 1.25
CA ALA B 14 -32.86 -21.05 2.58
C ALA B 14 -32.96 -19.97 3.66
N LEU B 15 -32.68 -18.72 3.32
CA LEU B 15 -32.69 -17.64 4.31
C LEU B 15 -34.06 -16.97 4.44
N GLN B 16 -34.88 -17.00 3.40
CA GLN B 16 -36.18 -16.36 3.45
C GLN B 16 -37.12 -17.14 4.36
N GLY B 17 -38.04 -16.41 5.00
CA GLY B 17 -38.86 -16.97 6.05
C GLY B 17 -38.23 -16.97 7.42
N LYS B 18 -36.93 -16.69 7.51
CA LYS B 18 -36.20 -16.66 8.76
C LYS B 18 -35.85 -15.21 9.12
N LYS B 19 -35.66 -14.98 10.41
CA LYS B 19 -35.28 -13.67 10.93
C LYS B 19 -33.80 -13.67 11.26
N ILE B 20 -33.14 -12.54 10.98
CA ILE B 20 -31.69 -12.42 11.10
C ILE B 20 -31.37 -11.46 12.23
N ALA B 21 -30.44 -11.86 13.10
CA ALA B 21 -29.98 -11.02 14.21
C ALA B 21 -28.51 -10.68 13.99
N VAL B 22 -28.24 -9.45 13.61
CA VAL B 22 -26.87 -8.96 13.46
C VAL B 22 -26.47 -8.34 14.80
N VAL B 23 -25.65 -9.08 15.56
CA VAL B 23 -25.18 -8.64 16.87
C VAL B 23 -24.03 -7.66 16.67
N GLY B 24 -24.23 -6.42 17.10
CA GLY B 24 -23.25 -5.38 16.91
C GLY B 24 -23.56 -4.53 15.69
N TYR B 25 -23.11 -3.27 15.72
CA TYR B 25 -23.37 -2.33 14.64
C TYR B 25 -22.11 -1.51 14.36
N GLY B 26 -21.05 -2.19 13.97
CA GLY B 26 -19.85 -1.55 13.51
C GLY B 26 -19.92 -1.20 12.05
N SER B 27 -18.74 -1.15 11.40
CA SER B 27 -18.72 -0.95 9.96
C SER B 27 -19.22 -2.19 9.22
N GLN B 28 -18.85 -3.38 9.71
CA GLN B 28 -19.32 -4.62 9.09
C GLN B 28 -20.74 -4.96 9.51
N GLY B 29 -21.14 -4.61 10.73
CA GLY B 29 -22.51 -4.88 11.15
C GLY B 29 -23.52 -4.11 10.34
N HIS B 30 -23.23 -2.84 10.05
CA HIS B 30 -24.12 -2.05 9.21
C HIS B 30 -24.10 -2.56 7.77
N ALA B 31 -22.97 -3.09 7.31
CA ALA B 31 -22.89 -3.62 5.95
C ALA B 31 -23.73 -4.87 5.79
N HIS B 32 -23.63 -5.80 6.73
CA HIS B 32 -24.44 -7.02 6.65
C HIS B 32 -25.92 -6.72 6.83
N ALA B 33 -26.25 -5.90 7.84
CA ALA B 33 -27.65 -5.68 8.18
C ALA B 33 -28.40 -4.94 7.07
N GLN B 34 -27.77 -3.94 6.46
CA GLN B 34 -28.45 -3.20 5.41
C GLN B 34 -28.52 -3.99 4.10
N ASN B 35 -27.52 -4.83 3.83
CA ASN B 35 -27.55 -5.63 2.61
C ASN B 35 -28.64 -6.69 2.65
N LEU B 36 -29.08 -7.10 3.85
CA LEU B 36 -30.14 -8.08 3.95
C LEU B 36 -31.52 -7.44 3.77
N LYS B 37 -31.76 -6.30 4.42
CA LYS B 37 -33.03 -5.59 4.25
C LYS B 37 -33.19 -5.07 2.82
N ASP B 38 -32.10 -4.86 2.09
CA ASP B 38 -32.21 -4.47 0.70
C ASP B 38 -32.76 -5.59 -0.17
N ASN B 39 -32.53 -6.84 0.23
CA ASN B 39 -33.05 -8.01 -0.48
C ASN B 39 -34.33 -8.55 0.15
N GLY B 40 -35.02 -7.73 0.93
CA GLY B 40 -36.29 -8.14 1.51
C GLY B 40 -36.16 -9.17 2.62
N TYR B 41 -35.20 -8.97 3.53
CA TYR B 41 -35.01 -9.87 4.66
C TYR B 41 -35.33 -9.15 5.96
N ASP B 42 -35.98 -9.87 6.88
CA ASP B 42 -36.32 -9.34 8.19
C ASP B 42 -35.08 -9.42 9.06
N VAL B 43 -34.29 -8.34 9.07
CA VAL B 43 -33.04 -8.28 9.80
C VAL B 43 -33.24 -7.46 11.07
N VAL B 44 -32.76 -7.98 12.19
CA VAL B 44 -32.83 -7.28 13.47
C VAL B 44 -31.40 -7.13 14.00
N ILE B 45 -31.22 -6.15 14.88
CA ILE B 45 -29.90 -5.79 15.40
C ILE B 45 -29.95 -5.79 16.92
N GLY B 46 -29.06 -6.55 17.54
CA GLY B 46 -28.95 -6.59 18.98
C GLY B 46 -27.62 -6.06 19.47
N ILE B 47 -27.62 -4.89 20.08
CA ILE B 47 -26.41 -4.23 20.55
C ILE B 47 -26.69 -3.52 21.85
N ARG B 48 -25.63 -3.20 22.58
CA ARG B 48 -25.76 -2.48 23.84
C ARG B 48 -26.03 -1.00 23.57
N PRO B 49 -26.72 -0.32 24.49
CA PRO B 49 -27.00 1.10 24.30
C PRO B 49 -25.73 1.93 24.23
N GLY B 50 -25.72 2.89 23.32
CA GLY B 50 -24.54 3.72 23.13
C GLY B 50 -24.67 4.54 21.86
N ARG B 51 -23.51 4.94 21.33
CA ARG B 51 -23.51 5.77 20.13
C ARG B 51 -23.75 4.97 18.86
N SER B 52 -23.38 3.69 18.85
CA SER B 52 -23.70 2.83 17.72
C SER B 52 -25.09 2.23 17.82
N PHE B 53 -25.60 2.04 19.04
CA PHE B 53 -27.03 1.77 19.20
C PHE B 53 -27.85 2.87 18.56
N ASP B 54 -27.52 4.13 18.86
CA ASP B 54 -28.27 5.26 18.32
C ASP B 54 -28.14 5.31 16.80
N LYS B 55 -26.92 5.17 16.29
CA LYS B 55 -26.70 5.29 14.85
C LYS B 55 -27.53 4.29 14.06
N ALA B 56 -27.65 3.05 14.57
CA ALA B 56 -28.47 2.06 13.91
C ALA B 56 -29.94 2.46 13.92
N LYS B 57 -30.39 3.14 14.98
CA LYS B 57 -31.77 3.62 15.01
C LYS B 57 -32.02 4.65 13.93
N GLU B 58 -31.09 5.60 13.76
CA GLU B 58 -31.27 6.66 12.77
C GLU B 58 -31.17 6.14 11.34
N ASP B 59 -30.66 4.94 11.12
CA ASP B 59 -30.58 4.34 9.79
C ASP B 59 -31.79 3.48 9.47
N GLY B 60 -32.90 3.66 10.18
CA GLY B 60 -34.11 2.90 9.91
C GLY B 60 -34.14 1.50 10.48
N PHE B 61 -33.18 1.13 11.32
CA PHE B 61 -33.12 -0.21 11.86
C PHE B 61 -33.85 -0.29 13.21
N ASP B 62 -34.26 -1.51 13.55
CA ASP B 62 -34.88 -1.82 14.83
C ASP B 62 -33.80 -2.40 15.74
N VAL B 63 -33.40 -1.63 16.75
CA VAL B 63 -32.32 -2.02 17.65
C VAL B 63 -32.92 -2.50 18.97
N PHE B 64 -32.33 -3.56 19.52
CA PHE B 64 -32.81 -4.18 20.76
C PHE B 64 -31.62 -4.62 21.60
N PRO B 65 -31.82 -4.93 22.88
CA PRO B 65 -30.78 -5.63 23.63
C PRO B 65 -30.42 -6.95 22.95
N VAL B 66 -29.18 -7.38 23.17
CA VAL B 66 -28.67 -8.53 22.41
C VAL B 66 -29.32 -9.83 22.86
N ALA B 67 -29.77 -9.91 24.11
CA ALA B 67 -30.38 -11.15 24.59
C ALA B 67 -31.75 -11.37 23.97
N GLU B 68 -32.43 -10.31 23.58
CA GLU B 68 -33.75 -10.42 22.96
C GLU B 68 -33.68 -10.60 21.45
N ALA B 69 -32.64 -10.07 20.81
CA ALA B 69 -32.53 -10.17 19.36
C ALA B 69 -32.30 -11.60 18.92
N VAL B 70 -31.56 -12.38 19.71
CA VAL B 70 -31.31 -13.79 19.40
C VAL B 70 -32.52 -14.65 19.74
N LYS B 71 -33.31 -14.20 20.71
CA LYS B 71 -34.59 -14.85 21.00
C LYS B 71 -35.55 -14.65 19.83
N GLN B 72 -35.43 -13.53 19.12
CA GLN B 72 -36.37 -13.17 18.07
C GLN B 72 -36.03 -13.80 16.72
N ALA B 73 -34.76 -14.07 16.44
CA ALA B 73 -34.32 -14.35 15.08
C ALA B 73 -34.06 -15.84 14.86
N ASP B 74 -33.74 -16.18 13.60
CA ASP B 74 -33.43 -17.54 13.21
C ASP B 74 -32.00 -17.69 12.70
N VAL B 75 -31.21 -16.62 12.71
CA VAL B 75 -29.79 -16.70 12.41
C VAL B 75 -29.09 -15.53 13.09
N ILE B 76 -28.08 -15.83 13.90
CA ILE B 76 -27.40 -14.84 14.72
C ILE B 76 -25.99 -14.65 14.17
N MET B 77 -25.73 -13.46 13.65
CA MET B 77 -24.41 -13.09 13.12
C MET B 77 -23.70 -12.26 14.19
N VAL B 78 -22.71 -12.86 14.83
CA VAL B 78 -21.99 -12.21 15.93
C VAL B 78 -20.85 -11.39 15.33
N LEU B 79 -20.99 -10.06 15.36
CA LEU B 79 -19.96 -9.17 14.83
C LEU B 79 -19.48 -8.23 15.93
N LEU B 80 -19.09 -8.79 17.06
CA LEU B 80 -18.49 -8.07 18.18
C LEU B 80 -16.99 -8.32 18.21
N PRO B 81 -16.22 -7.45 18.86
CA PRO B 81 -14.78 -7.68 18.98
C PRO B 81 -14.47 -9.04 19.60
N ASP B 82 -13.35 -9.63 19.17
CA ASP B 82 -13.02 -11.00 19.58
C ASP B 82 -12.88 -11.10 21.10
N GLU B 83 -12.35 -10.06 21.75
CA GLU B 83 -12.08 -10.14 23.18
C GLU B 83 -13.34 -10.12 24.02
N ILE B 84 -14.45 -9.60 23.50
CA ILE B 84 -15.70 -9.53 24.27
C ILE B 84 -16.71 -10.59 23.84
N GLN B 85 -16.44 -11.33 22.76
CA GLN B 85 -17.37 -12.37 22.32
C GLN B 85 -17.48 -13.52 23.31
N GLY B 86 -16.45 -13.74 24.12
CA GLY B 86 -16.47 -14.86 25.05
C GLY B 86 -17.53 -14.70 26.13
N ASP B 87 -17.55 -13.55 26.80
CA ASP B 87 -18.49 -13.34 27.90
C ASP B 87 -19.88 -12.97 27.41
N VAL B 88 -19.97 -12.29 26.26
CA VAL B 88 -21.28 -11.97 25.70
C VAL B 88 -22.00 -13.24 25.28
N TYR B 89 -21.27 -14.26 24.80
CA TYR B 89 -21.89 -15.52 24.43
C TYR B 89 -22.43 -16.24 25.66
N LYS B 90 -21.70 -16.21 26.77
CA LYS B 90 -22.11 -16.95 27.95
C LYS B 90 -23.28 -16.28 28.66
N ASN B 91 -23.31 -14.96 28.69
CA ASN B 91 -24.28 -14.22 29.49
C ASN B 91 -25.45 -13.68 28.68
N GLU B 92 -25.39 -13.71 27.35
CA GLU B 92 -26.42 -13.06 26.54
C GLU B 92 -26.87 -13.85 25.33
N ILE B 93 -26.09 -14.81 24.82
CA ILE B 93 -26.43 -15.57 23.62
C ILE B 93 -26.77 -17.02 23.96
N GLU B 94 -25.84 -17.72 24.61
CA GLU B 94 -26.08 -19.13 24.93
C GLU B 94 -27.33 -19.38 25.76
N PRO B 95 -27.65 -18.61 26.81
CA PRO B 95 -28.89 -18.88 27.55
C PRO B 95 -30.15 -18.70 26.72
N ASN B 96 -30.09 -17.96 25.61
CA ASN B 96 -31.26 -17.71 24.77
C ASN B 96 -31.19 -18.44 23.44
N LEU B 97 -30.39 -19.50 23.35
CA LEU B 97 -30.30 -20.27 22.11
C LEU B 97 -31.50 -21.19 21.97
N GLU B 98 -31.72 -21.66 20.74
CA GLU B 98 -32.87 -22.50 20.44
C GLU B 98 -32.44 -23.85 19.90
N LYS B 99 -32.97 -24.22 18.73
CA LYS B 99 -32.64 -25.49 18.11
C LYS B 99 -32.74 -25.33 16.60
N HIS B 100 -31.73 -25.84 15.88
CA HIS B 100 -31.74 -25.91 14.42
C HIS B 100 -31.79 -24.52 13.78
N ASN B 101 -30.93 -23.63 14.28
CA ASN B 101 -30.76 -22.34 13.62
C ASN B 101 -29.33 -21.86 13.85
N ALA B 102 -28.96 -20.81 13.12
CA ALA B 102 -27.57 -20.55 12.79
C ALA B 102 -26.91 -19.58 13.75
N LEU B 103 -25.69 -19.92 14.17
CA LEU B 103 -24.80 -19.04 14.93
C LEU B 103 -23.67 -18.65 13.99
N ALA B 104 -23.79 -17.48 13.37
CA ALA B 104 -22.87 -17.08 12.31
C ALA B 104 -21.73 -16.22 12.86
N PHE B 105 -20.63 -16.21 12.12
CA PHE B 105 -19.47 -15.38 12.43
C PHE B 105 -18.85 -14.89 11.13
N ALA B 106 -18.09 -13.81 11.23
CA ALA B 106 -17.25 -13.38 10.13
C ALA B 106 -15.78 -13.68 10.36
N HIS B 107 -15.42 -14.08 11.57
CA HIS B 107 -14.06 -14.49 11.91
C HIS B 107 -14.15 -15.62 12.93
N GLY B 108 -13.39 -16.67 12.71
CA GLY B 108 -13.51 -17.86 13.54
C GLY B 108 -12.53 -17.93 14.69
N PHE B 109 -12.22 -16.78 15.30
CA PHE B 109 -11.29 -16.76 16.41
C PHE B 109 -11.84 -17.51 17.61
N ASN B 110 -12.99 -17.06 18.12
CA ASN B 110 -13.56 -17.65 19.32
C ASN B 110 -14.02 -19.09 19.11
N ILE B 111 -14.33 -19.47 17.88
CA ILE B 111 -14.78 -20.83 17.62
C ILE B 111 -13.60 -21.78 17.51
N HIS B 112 -12.66 -21.47 16.62
CA HIS B 112 -11.53 -22.37 16.40
C HIS B 112 -10.67 -22.54 17.64
N PHE B 113 -10.55 -21.50 18.47
CA PHE B 113 -9.77 -21.56 19.69
C PHE B 113 -10.59 -22.03 20.88
N GLY B 114 -11.81 -22.52 20.66
CA GLY B 114 -12.59 -23.13 21.71
C GLY B 114 -13.16 -22.19 22.75
N VAL B 115 -13.03 -20.88 22.55
CA VAL B 115 -13.55 -19.93 23.54
C VAL B 115 -15.07 -20.01 23.59
N ILE B 116 -15.71 -20.19 22.44
CA ILE B 116 -17.16 -20.33 22.36
C ILE B 116 -17.48 -21.76 21.96
N GLN B 117 -18.14 -22.49 22.86
CA GLN B 117 -18.52 -23.89 22.62
C GLN B 117 -20.01 -23.96 22.35
N PRO B 118 -20.44 -24.09 21.11
CA PRO B 118 -21.87 -24.13 20.81
C PRO B 118 -22.44 -25.51 21.05
N PRO B 119 -23.72 -25.62 21.41
CA PRO B 119 -24.35 -26.93 21.55
C PRO B 119 -24.48 -27.62 20.20
N ALA B 120 -24.91 -28.88 20.25
CA ALA B 120 -24.95 -29.70 19.05
C ALA B 120 -26.09 -29.32 18.12
N ASP B 121 -27.24 -28.87 18.66
CA ASP B 121 -28.44 -28.67 17.87
C ASP B 121 -28.54 -27.27 17.26
N VAL B 122 -27.41 -26.65 16.93
CA VAL B 122 -27.41 -25.35 16.28
C VAL B 122 -26.30 -25.33 15.23
N ASP B 123 -26.62 -24.77 14.06
CA ASP B 123 -25.64 -24.62 13.00
C ASP B 123 -24.69 -23.47 13.30
N VAL B 124 -23.41 -23.69 13.07
CA VAL B 124 -22.37 -22.69 13.31
C VAL B 124 -21.54 -22.60 12.04
N PHE B 125 -21.66 -21.48 11.32
CA PHE B 125 -20.92 -21.28 10.09
C PHE B 125 -20.19 -19.95 10.13
N LEU B 126 -19.40 -19.70 9.09
CA LEU B 126 -18.60 -18.49 8.96
C LEU B 126 -18.79 -17.95 7.55
N VAL B 127 -18.91 -16.63 7.44
CA VAL B 127 -18.93 -15.93 6.15
C VAL B 127 -18.09 -14.67 6.30
N ALA B 128 -16.95 -14.62 5.62
CA ALA B 128 -16.01 -13.51 5.77
C ALA B 128 -15.91 -12.72 4.47
N PRO B 129 -16.54 -11.56 4.36
CA PRO B 129 -16.36 -10.72 3.17
C PRO B 129 -14.94 -10.18 3.10
N LYS B 130 -14.53 -9.86 1.87
CA LYS B 130 -13.19 -9.37 1.60
C LYS B 130 -13.26 -8.08 0.81
N GLY B 131 -12.19 -7.30 0.90
CA GLY B 131 -12.08 -6.06 0.16
C GLY B 131 -13.05 -5.01 0.65
N PRO B 132 -13.86 -4.45 -0.26
CA PRO B 132 -14.82 -3.42 0.12
C PRO B 132 -15.87 -3.95 1.09
N GLY B 133 -15.73 -3.61 2.37
CA GLY B 133 -16.67 -4.05 3.39
C GLY B 133 -16.92 -3.01 4.46
N SER B 144 -16.07 -3.39 -8.17
CA SER B 144 -15.60 -3.19 -6.80
C SER B 144 -16.05 -4.33 -5.89
N ALA B 145 -15.88 -5.56 -6.38
CA ALA B 145 -16.25 -6.76 -5.64
C ALA B 145 -15.07 -7.73 -5.63
N VAL B 146 -14.83 -8.33 -4.47
CA VAL B 146 -13.71 -9.25 -4.27
C VAL B 146 -14.28 -10.55 -3.71
N PRO B 147 -13.80 -11.72 -4.16
CA PRO B 147 -14.34 -12.98 -3.64
C PRO B 147 -14.27 -13.06 -2.13
N SER B 148 -15.35 -13.56 -1.53
CA SER B 148 -15.44 -13.73 -0.09
C SER B 148 -15.19 -15.19 0.28
N LEU B 149 -15.22 -15.48 1.58
CA LEU B 149 -14.99 -16.81 2.10
C LEU B 149 -16.19 -17.28 2.90
N PHE B 150 -16.30 -18.60 3.07
CA PHE B 150 -17.34 -19.17 3.91
C PHE B 150 -16.89 -20.55 4.38
N GLY B 151 -17.40 -20.94 5.56
CA GLY B 151 -17.03 -22.22 6.16
C GLY B 151 -18.13 -22.70 7.07
N ILE B 152 -17.96 -23.93 7.56
CA ILE B 152 -18.96 -24.59 8.40
C ILE B 152 -18.26 -25.33 9.52
N GLN B 153 -18.75 -25.16 10.74
CA GLN B 153 -18.28 -25.90 11.91
C GLN B 153 -19.23 -27.01 12.33
N GLN B 154 -20.53 -26.75 12.30
CA GLN B 154 -21.53 -27.73 12.70
C GLN B 154 -22.71 -27.69 11.74
N ASP B 155 -23.26 -28.87 11.45
CA ASP B 155 -24.44 -29.01 10.61
C ASP B 155 -25.48 -29.79 11.41
N ALA B 156 -26.42 -29.08 12.02
CA ALA B 156 -27.48 -29.71 12.81
C ALA B 156 -28.83 -29.71 12.14
N SER B 157 -29.14 -28.67 11.35
CA SER B 157 -30.44 -28.58 10.69
C SER B 157 -30.49 -29.28 9.34
N GLY B 158 -29.36 -29.78 8.85
CA GLY B 158 -29.30 -30.37 7.53
C GLY B 158 -29.28 -29.37 6.40
N GLN B 159 -29.32 -28.07 6.69
CA GLN B 159 -29.25 -27.03 5.68
C GLN B 159 -28.20 -25.97 6.01
N ALA B 160 -27.18 -26.33 6.79
CA ALA B 160 -26.17 -25.36 7.19
C ALA B 160 -25.42 -24.81 5.97
N ARG B 161 -25.19 -25.65 4.96
CA ARG B 161 -24.50 -25.19 3.76
C ARG B 161 -25.36 -24.19 3.00
N ASN B 162 -26.63 -24.52 2.75
CA ASN B 162 -27.50 -23.63 2.00
C ASN B 162 -27.92 -22.41 2.81
N ILE B 163 -27.86 -22.49 4.14
CA ILE B 163 -28.11 -21.30 4.95
C ILE B 163 -26.92 -20.36 4.89
N ALA B 164 -25.71 -20.90 4.98
CA ALA B 164 -24.51 -20.07 4.91
C ALA B 164 -24.34 -19.46 3.52
N LEU B 165 -24.64 -20.23 2.47
CA LEU B 165 -24.44 -19.72 1.12
C LEU B 165 -25.51 -18.70 0.74
N SER B 166 -26.75 -18.91 1.19
CA SER B 166 -27.80 -17.94 0.94
C SER B 166 -27.63 -16.69 1.80
N TYR B 167 -26.95 -16.79 2.94
CA TYR B 167 -26.63 -15.61 3.72
C TYR B 167 -25.53 -14.80 3.07
N ALA B 168 -24.50 -15.47 2.56
CA ALA B 168 -23.46 -14.78 1.79
C ALA B 168 -24.04 -14.14 0.53
N LYS B 169 -25.08 -14.75 -0.04
CA LYS B 169 -25.79 -14.12 -1.15
C LYS B 169 -26.61 -12.93 -0.68
N GLY B 170 -27.16 -12.99 0.54
CA GLY B 170 -27.93 -11.88 1.05
C GLY B 170 -27.10 -10.62 1.27
N ILE B 171 -25.89 -10.79 1.81
CA ILE B 171 -24.99 -9.65 2.00
C ILE B 171 -24.23 -9.28 0.74
N GLY B 172 -24.46 -9.98 -0.37
CA GLY B 172 -23.76 -9.67 -1.60
C GLY B 172 -22.38 -10.25 -1.73
N ALA B 173 -22.02 -11.22 -0.88
CA ALA B 173 -20.69 -11.81 -0.90
C ALA B 173 -20.51 -12.83 -2.02
N THR B 174 -21.59 -13.28 -2.65
CA THR B 174 -21.51 -14.26 -3.72
C THR B 174 -21.46 -13.62 -5.11
N ARG B 175 -21.47 -12.29 -5.19
CA ARG B 175 -21.40 -11.64 -6.49
C ARG B 175 -20.06 -11.90 -7.18
N ALA B 176 -18.98 -11.91 -6.40
CA ALA B 176 -17.66 -12.26 -6.90
C ALA B 176 -17.26 -13.69 -6.56
N GLY B 177 -18.15 -14.46 -5.96
CA GLY B 177 -17.87 -15.84 -5.63
C GLY B 177 -17.41 -16.04 -4.21
N VAL B 178 -17.86 -17.10 -3.56
CA VAL B 178 -17.44 -17.43 -2.21
C VAL B 178 -16.62 -18.71 -2.25
N ILE B 179 -15.48 -18.70 -1.56
CA ILE B 179 -14.57 -19.84 -1.50
C ILE B 179 -14.75 -20.53 -0.16
N GLU B 180 -14.95 -21.84 -0.21
CA GLU B 180 -15.13 -22.62 1.01
C GLU B 180 -13.81 -22.82 1.72
N THR B 181 -13.85 -22.76 3.05
CA THR B 181 -12.67 -22.97 3.88
C THR B 181 -13.13 -23.52 5.22
N THR B 182 -12.22 -23.58 6.18
CA THR B 182 -12.51 -24.04 7.52
C THR B 182 -12.30 -22.91 8.52
N PHE B 183 -12.84 -23.09 9.72
CA PHE B 183 -12.62 -22.12 10.79
C PHE B 183 -11.16 -22.02 11.16
N LYS B 184 -10.42 -23.14 11.03
CA LYS B 184 -8.99 -23.11 11.34
C LYS B 184 -8.21 -22.38 10.27
N GLU B 185 -8.54 -22.61 9.00
CA GLU B 185 -7.78 -21.99 7.91
C GLU B 185 -8.02 -20.49 7.85
N GLU B 186 -9.27 -20.05 8.02
CA GLU B 186 -9.56 -18.63 7.98
C GLU B 186 -8.94 -17.90 9.16
N THR B 187 -8.96 -18.51 10.34
CA THR B 187 -8.42 -17.85 11.53
C THR B 187 -6.91 -17.71 11.43
N GLU B 188 -6.21 -18.78 11.07
CA GLU B 188 -4.75 -18.77 11.11
C GLU B 188 -4.15 -17.98 9.95
N THR B 189 -4.81 -17.96 8.80
CA THR B 189 -4.31 -17.15 7.69
C THR B 189 -4.59 -15.67 7.90
N ASP B 190 -5.73 -15.33 8.50
CA ASP B 190 -6.02 -13.94 8.82
C ASP B 190 -5.06 -13.41 9.89
N LEU B 191 -4.81 -14.20 10.94
CA LEU B 191 -3.93 -13.75 12.00
C LEU B 191 -2.49 -13.62 11.51
N PHE B 192 -2.05 -14.54 10.66
CA PHE B 192 -0.67 -14.48 10.16
C PHE B 192 -0.45 -13.27 9.27
N GLY B 193 -1.38 -13.00 8.36
CA GLY B 193 -1.22 -11.85 7.47
C GLY B 193 -1.12 -10.54 8.23
N GLU B 194 -1.92 -10.39 9.30
CA GLU B 194 -1.85 -9.18 10.10
C GLU B 194 -0.51 -9.05 10.82
N GLN B 195 -0.03 -10.16 11.40
CA GLN B 195 1.18 -10.10 12.20
C GLN B 195 2.44 -10.05 11.34
N ALA B 196 2.51 -10.91 10.33
CA ALA B 196 3.76 -11.07 9.58
C ALA B 196 3.90 -10.11 8.42
N VAL B 197 2.81 -9.68 7.80
CA VAL B 197 2.91 -8.89 6.57
C VAL B 197 2.16 -7.57 6.70
N LEU B 198 0.83 -7.61 6.56
CA LEU B 198 0.04 -6.40 6.37
C LEU B 198 0.29 -5.36 7.45
N CYS B 199 0.08 -5.72 8.72
CA CYS B 199 0.18 -4.75 9.79
C CYS B 199 1.54 -4.77 10.47
N GLY B 200 1.83 -5.85 11.21
CA GLY B 200 3.06 -5.89 11.98
C GLY B 200 4.31 -5.88 11.10
N GLY B 201 4.30 -6.68 10.04
CA GLY B 201 5.48 -6.80 9.19
C GLY B 201 5.83 -5.50 8.47
N VAL B 202 4.83 -4.85 7.88
CA VAL B 202 5.09 -3.66 7.06
C VAL B 202 5.43 -2.46 7.94
N SER B 203 4.81 -2.34 9.12
CA SER B 203 4.94 -1.11 9.91
C SER B 203 6.37 -0.93 10.43
N LYS B 204 6.97 -2.01 10.97
CA LYS B 204 8.38 -1.90 11.35
C LYS B 204 9.29 -1.92 10.14
N LEU B 205 8.85 -2.52 9.04
CA LEU B 205 9.58 -2.40 7.78
C LEU B 205 9.66 -0.94 7.36
N ILE B 206 8.55 -0.20 7.52
CA ILE B 206 8.55 1.24 7.24
C ILE B 206 9.27 2.01 8.34
N GLN B 207 9.15 1.56 9.59
CA GLN B 207 9.82 2.25 10.68
C GLN B 207 11.35 2.12 10.57
N SER B 208 11.84 0.89 10.44
CA SER B 208 13.29 0.68 10.37
C SER B 208 13.90 1.33 9.13
N GLY B 209 13.13 1.42 8.04
CA GLY B 209 13.60 2.19 6.90
C GLY B 209 13.64 3.68 7.18
N PHE B 210 12.60 4.19 7.85
CA PHE B 210 12.57 5.60 8.23
C PHE B 210 13.70 5.94 9.20
N GLU B 211 13.92 5.08 10.20
CA GLU B 211 15.01 5.32 11.15
C GLU B 211 16.37 5.30 10.46
N THR B 212 16.53 4.44 9.44
CA THR B 212 17.81 4.38 8.73
C THR B 212 18.13 5.71 8.07
N LEU B 213 17.16 6.29 7.35
CA LEU B 213 17.40 7.54 6.65
C LEU B 213 17.60 8.70 7.61
N VAL B 214 16.81 8.75 8.69
CA VAL B 214 16.93 9.86 9.64
C VAL B 214 18.26 9.81 10.37
N GLU B 215 18.69 8.62 10.77
CA GLU B 215 19.98 8.47 11.44
C GLU B 215 21.14 8.77 10.50
N ALA B 216 20.92 8.74 9.19
CA ALA B 216 21.95 9.03 8.20
C ALA B 216 22.01 10.51 7.84
N GLY B 217 21.25 11.35 8.53
CA GLY B 217 21.29 12.78 8.31
C GLY B 217 20.34 13.31 7.26
N TYR B 218 19.46 12.47 6.72
CA TYR B 218 18.47 12.94 5.75
C TYR B 218 17.31 13.62 6.44
N GLN B 219 16.67 14.53 5.72
CA GLN B 219 15.53 15.26 6.28
C GLN B 219 14.40 14.29 6.60
N PRO B 220 13.79 14.37 7.78
CA PRO B 220 12.70 13.44 8.11
C PRO B 220 11.50 13.55 7.18
N GLU B 221 11.30 14.71 6.55
CA GLU B 221 10.17 14.86 5.63
C GLU B 221 10.39 14.05 4.36
N LEU B 222 11.54 14.25 3.70
CA LEU B 222 11.86 13.45 2.54
C LEU B 222 11.91 11.96 2.85
N ALA B 223 12.38 11.61 4.05
CA ALA B 223 12.35 10.21 4.47
C ALA B 223 10.93 9.71 4.63
N TYR B 224 10.01 10.56 5.07
CA TYR B 224 8.63 10.13 5.28
C TYR B 224 7.96 9.78 3.96
N PHE B 225 8.25 10.53 2.90
CA PHE B 225 7.69 10.21 1.59
C PHE B 225 8.25 8.90 1.04
N GLU B 226 9.56 8.70 1.17
CA GLU B 226 10.21 7.60 0.47
C GLU B 226 9.93 6.24 1.11
N VAL B 227 9.55 6.20 2.39
CA VAL B 227 9.28 4.92 3.05
C VAL B 227 7.82 4.72 3.40
N LEU B 228 6.98 5.75 3.26
CA LEU B 228 5.58 5.62 3.66
C LEU B 228 4.64 6.19 2.61
N HIS B 229 4.68 7.51 2.41
CA HIS B 229 3.66 8.17 1.59
C HIS B 229 3.70 7.69 0.14
N GLU B 230 4.87 7.31 -0.37
CA GLU B 230 4.99 6.83 -1.74
C GLU B 230 4.53 5.39 -1.90
N MET B 231 4.16 4.71 -0.83
CA MET B 231 3.77 3.31 -0.93
C MET B 231 2.39 3.11 -1.51
N LYS B 232 1.49 4.09 -1.36
CA LYS B 232 0.13 3.93 -1.87
C LYS B 232 0.12 3.66 -3.36
N LEU B 233 0.97 4.38 -4.12
CA LEU B 233 1.01 4.15 -5.56
C LEU B 233 1.53 2.76 -5.88
N ILE B 234 2.55 2.30 -5.16
CA ILE B 234 3.08 0.97 -5.37
C ILE B 234 2.03 -0.08 -5.01
N VAL B 235 1.32 0.12 -3.89
CA VAL B 235 0.35 -0.87 -3.48
C VAL B 235 -0.87 -0.86 -4.40
N ASP B 236 -1.26 0.33 -4.89
CA ASP B 236 -2.40 0.39 -5.80
C ASP B 236 -2.11 -0.34 -7.11
N LEU B 237 -0.89 -0.20 -7.64
CA LEU B 237 -0.51 -0.95 -8.83
C LEU B 237 -0.58 -2.45 -8.58
N MET B 238 -0.04 -2.90 -7.44
CA MET B 238 -0.08 -4.32 -7.11
C MET B 238 -1.51 -4.82 -6.92
N TYR B 239 -2.40 -3.97 -6.42
CA TYR B 239 -3.78 -4.37 -6.21
C TYR B 239 -4.52 -4.57 -7.51
N GLU B 240 -4.16 -3.84 -8.57
CA GLU B 240 -4.89 -3.90 -9.83
C GLU B 240 -4.32 -4.92 -10.79
N GLY B 241 -2.99 -5.04 -10.87
CA GLY B 241 -2.38 -5.93 -11.85
C GLY B 241 -1.36 -6.89 -11.28
N GLY B 242 -1.30 -6.99 -9.96
CA GLY B 242 -0.37 -7.90 -9.33
C GLY B 242 1.05 -7.32 -9.24
N MET B 243 1.95 -8.16 -8.73
CA MET B 243 3.34 -7.73 -8.55
C MET B 243 4.00 -7.41 -9.88
N GLU B 244 3.67 -8.14 -10.95
CA GLU B 244 4.23 -7.86 -12.26
C GLU B 244 3.82 -6.47 -12.77
N ASN B 245 2.69 -5.94 -12.30
CA ASN B 245 2.29 -4.59 -12.66
C ASN B 245 3.18 -3.56 -12.00
N VAL B 246 3.60 -3.82 -10.75
CA VAL B 246 4.50 -2.90 -10.08
C VAL B 246 5.86 -2.89 -10.78
N ARG B 247 6.42 -4.07 -11.04
CA ARG B 247 7.70 -4.16 -11.75
C ARG B 247 7.64 -3.53 -13.12
N TYR B 248 6.45 -3.48 -13.74
CA TYR B 248 6.31 -2.85 -15.04
C TYR B 248 6.23 -1.33 -14.93
N SER B 249 5.43 -0.83 -13.99
CA SER B 249 5.20 0.61 -13.91
C SER B 249 6.40 1.36 -13.34
N ILE B 250 7.13 0.75 -12.40
CA ILE B 250 8.28 1.44 -11.83
C ILE B 250 9.45 1.41 -12.82
N SER B 251 10.32 2.41 -12.68
CA SER B 251 11.43 2.59 -13.61
C SER B 251 12.38 1.39 -13.56
N ASN B 252 13.22 1.29 -14.59
CA ASN B 252 14.20 0.20 -14.64
C ASN B 252 15.15 0.28 -13.46
N THR B 253 15.54 1.49 -13.06
CA THR B 253 16.39 1.65 -11.89
C THR B 253 15.70 1.16 -10.62
N ALA B 254 14.41 1.48 -10.48
CA ALA B 254 13.66 1.01 -9.31
C ALA B 254 13.43 -0.49 -9.39
N GLU B 255 13.08 -1.00 -10.57
CA GLU B 255 12.86 -2.44 -10.73
C GLU B 255 14.15 -3.21 -10.48
N PHE B 256 15.28 -2.69 -10.96
CA PHE B 256 16.57 -3.33 -10.71
C PHE B 256 16.89 -3.36 -9.22
N GLY B 257 16.72 -2.23 -8.54
CA GLY B 257 16.96 -2.19 -7.10
C GLY B 257 16.07 -3.15 -6.32
N ASP B 258 14.82 -3.29 -6.73
CA ASP B 258 13.94 -4.31 -6.17
C ASP B 258 14.60 -5.69 -6.21
N TYR B 259 15.19 -6.03 -7.36
CA TYR B 259 15.66 -7.41 -7.57
C TYR B 259 16.90 -7.71 -6.74
N VAL B 260 17.86 -6.79 -6.70
CA VAL B 260 19.14 -7.07 -6.06
C VAL B 260 19.21 -6.66 -4.59
N SER B 261 18.38 -5.71 -4.15
CA SER B 261 18.41 -5.27 -2.77
C SER B 261 17.27 -5.81 -1.92
N GLY B 262 16.19 -6.28 -2.54
CA GLY B 262 15.09 -6.89 -1.83
C GLY B 262 15.52 -8.06 -0.97
N PRO B 263 16.16 -9.06 -1.57
CA PRO B 263 16.66 -10.18 -0.76
C PRO B 263 17.70 -9.77 0.27
N ARG B 264 18.43 -8.68 0.03
CA ARG B 264 19.38 -8.19 1.03
C ARG B 264 18.67 -7.72 2.30
N VAL B 265 17.56 -7.01 2.13
CA VAL B 265 16.79 -6.55 3.30
C VAL B 265 16.01 -7.70 3.91
N ILE B 266 15.22 -8.39 3.10
CA ILE B 266 14.38 -9.50 3.60
C ILE B 266 15.19 -10.77 3.36
N THR B 267 16.14 -11.01 4.27
CA THR B 267 16.98 -12.19 4.20
C THR B 267 16.15 -13.44 4.47
N PRO B 268 16.65 -14.62 4.12
CA PRO B 268 15.89 -15.85 4.39
C PRO B 268 15.58 -16.05 5.86
N ASP B 269 16.34 -15.43 6.77
CA ASP B 269 16.02 -15.55 8.19
C ASP B 269 14.71 -14.86 8.53
N VAL B 270 14.35 -13.80 7.81
CA VAL B 270 13.05 -13.16 8.03
C VAL B 270 11.92 -14.14 7.73
N LYS B 271 12.09 -14.96 6.67
CA LYS B 271 11.10 -15.99 6.39
C LYS B 271 11.00 -17.00 7.53
N GLU B 272 12.13 -17.33 8.16
CA GLU B 272 12.10 -18.21 9.32
C GLU B 272 11.33 -17.58 10.48
N ASN B 273 11.43 -16.26 10.64
CA ASN B 273 10.68 -15.58 11.68
C ASN B 273 9.18 -15.64 11.42
N MET B 274 8.77 -15.61 10.15
CA MET B 274 7.35 -15.69 9.83
C MET B 274 6.78 -17.05 10.19
N LYS B 275 7.54 -18.12 9.96
CA LYS B 275 7.09 -19.45 10.35
C LYS B 275 7.11 -19.63 11.86
N ALA B 276 7.96 -18.89 12.57
CA ALA B 276 7.96 -18.96 14.03
C ALA B 276 6.68 -18.33 14.60
N VAL B 277 6.27 -17.18 14.08
CA VAL B 277 5.06 -16.56 14.58
C VAL B 277 3.82 -17.34 14.13
N LEU B 278 3.92 -18.05 13.00
CA LEU B 278 2.81 -18.89 12.56
C LEU B 278 2.65 -20.12 13.46
N THR B 279 3.75 -20.63 14.01
CA THR B 279 3.67 -21.75 14.93
C THR B 279 2.90 -21.37 16.19
N ASP B 280 3.20 -20.20 16.76
CA ASP B 280 2.49 -19.76 17.95
C ASP B 280 1.04 -19.36 17.66
N ILE B 281 0.68 -19.16 16.40
CA ILE B 281 -0.73 -18.96 16.05
C ILE B 281 -1.46 -20.30 16.00
N GLN B 282 -0.76 -21.35 15.56
CA GLN B 282 -1.39 -22.65 15.41
C GLN B 282 -1.56 -23.36 16.75
N ASN B 283 -0.49 -23.40 17.56
CA ASN B 283 -0.58 -24.08 18.86
C ASN B 283 -1.54 -23.35 19.79
N GLY B 284 -1.51 -22.02 19.79
CA GLY B 284 -2.41 -21.25 20.61
C GLY B 284 -1.72 -20.25 21.52
N ASN B 285 -0.40 -20.10 21.36
CA ASN B 285 0.34 -19.18 22.23
C ASN B 285 -0.10 -17.73 22.04
N PHE B 286 -0.49 -17.36 20.82
CA PHE B 286 -0.93 -15.99 20.59
C PHE B 286 -2.34 -15.75 21.12
N SER B 287 -3.24 -16.72 20.92
CA SER B 287 -4.63 -16.51 21.28
C SER B 287 -4.80 -16.31 22.78
N ASN B 288 -4.26 -17.23 23.58
CA ASN B 288 -4.43 -17.12 25.03
C ASN B 288 -3.65 -15.94 25.60
N ARG B 289 -2.54 -15.55 24.95
CA ARG B 289 -1.82 -14.36 25.38
C ARG B 289 -2.65 -13.10 25.17
N PHE B 290 -3.31 -13.00 24.01
CA PHE B 290 -4.17 -11.86 23.75
C PHE B 290 -5.41 -11.88 24.64
N ILE B 291 -5.88 -13.08 25.02
CA ILE B 291 -7.08 -13.18 25.83
C ILE B 291 -6.77 -12.91 27.30
N GLU B 292 -5.72 -13.53 27.83
CA GLU B 292 -5.42 -13.34 29.25
C GLU B 292 -4.94 -11.93 29.54
N ASP B 293 -4.36 -11.24 28.55
CA ASP B 293 -4.06 -9.82 28.74
C ASP B 293 -5.33 -8.98 28.71
N ASN B 294 -6.33 -9.40 27.93
CA ASN B 294 -7.61 -8.71 27.95
C ASN B 294 -8.28 -8.84 29.30
N LYS B 295 -8.21 -10.02 29.92
CA LYS B 295 -8.77 -10.22 31.25
C LYS B 295 -8.02 -9.42 32.31
N ASN B 296 -6.80 -8.97 32.00
CA ASN B 296 -6.03 -8.12 32.90
C ASN B 296 -6.09 -6.65 32.48
N GLY B 297 -7.22 -6.20 31.93
CA GLY B 297 -7.39 -4.80 31.60
C GLY B 297 -6.56 -4.31 30.43
N PHE B 298 -6.09 -5.22 29.57
CA PHE B 298 -5.33 -4.85 28.37
C PHE B 298 -4.08 -4.04 28.71
N LYS B 299 -3.41 -4.41 29.81
CA LYS B 299 -2.26 -3.65 30.27
C LYS B 299 -1.13 -3.68 29.25
N GLU B 300 -0.73 -4.89 28.83
CA GLU B 300 0.32 -5.00 27.82
C GLU B 300 -0.13 -4.38 26.50
N PHE B 301 -1.37 -4.63 26.10
CA PHE B 301 -1.89 -4.09 24.85
C PHE B 301 -1.83 -2.55 24.85
N TYR B 302 -2.44 -1.92 25.85
CA TYR B 302 -2.51 -0.46 25.88
C TYR B 302 -1.12 0.16 25.98
N LYS B 303 -0.23 -0.46 26.75
CA LYS B 303 1.13 0.08 26.85
C LYS B 303 1.84 0.03 25.49
N LEU B 304 1.68 -1.08 24.77
CA LEU B 304 2.30 -1.18 23.44
C LEU B 304 1.68 -0.19 22.47
N ARG B 305 0.36 0.00 22.53
CA ARG B 305 -0.30 0.96 21.67
C ARG B 305 0.21 2.38 21.93
N GLU B 306 0.32 2.76 23.21
CA GLU B 306 0.73 4.12 23.54
C GLU B 306 2.20 4.36 23.23
N GLU B 307 3.05 3.35 23.40
CA GLU B 307 4.47 3.51 23.12
C GLU B 307 4.73 3.70 21.62
N GLN B 308 3.88 3.14 20.77
CA GLN B 308 4.04 3.33 19.34
C GLN B 308 3.86 4.79 18.94
N HIS B 309 3.03 5.54 19.68
CA HIS B 309 2.83 6.95 19.37
C HIS B 309 4.08 7.79 19.62
N GLY B 310 5.02 7.28 20.41
CA GLY B 310 6.27 7.98 20.64
C GLY B 310 7.28 7.90 19.52
N HIS B 311 6.95 7.21 18.42
CA HIS B 311 7.85 7.14 17.29
C HIS B 311 7.90 8.47 16.54
N GLN B 312 9.09 8.78 16.02
CA GLN B 312 9.26 10.04 15.30
C GLN B 312 8.43 10.05 14.00
N ILE B 313 8.21 8.89 13.39
CA ILE B 313 7.55 8.87 12.09
C ILE B 313 6.09 9.32 12.21
N GLU B 314 5.43 9.04 13.33
CA GLU B 314 4.03 9.43 13.46
C GLU B 314 3.90 10.94 13.65
N LYS B 315 4.81 11.55 14.42
CA LYS B 315 4.77 13.00 14.60
C LYS B 315 5.11 13.72 13.30
N VAL B 316 6.12 13.23 12.57
CA VAL B 316 6.47 13.82 11.29
C VAL B 316 5.27 13.75 10.32
N GLY B 317 4.53 12.64 10.39
CA GLY B 317 3.39 12.47 9.48
C GLY B 317 2.30 13.50 9.73
N ARG B 318 1.89 13.66 10.99
CA ARG B 318 0.80 14.59 11.27
C ARG B 318 1.21 16.04 11.02
N GLU B 319 2.50 16.35 11.20
CA GLU B 319 2.97 17.69 10.86
C GLU B 319 2.90 17.94 9.36
N LEU B 320 3.15 16.91 8.55
CA LEU B 320 3.03 17.08 7.10
C LEU B 320 1.57 17.15 6.67
N ARG B 321 0.68 16.48 7.39
CA ARG B 321 -0.74 16.51 7.05
C ARG B 321 -1.38 17.83 7.45
N GLU B 322 -0.92 18.44 8.54
CA GLU B 322 -1.37 19.78 8.94
C GLU B 322 -0.54 20.85 8.21
N MET B 323 -0.62 20.83 6.89
CA MET B 323 0.20 21.71 6.07
C MET B 323 -0.26 23.16 6.13
N MET B 324 0.64 24.06 5.71
CA MET B 324 0.38 25.51 5.69
C MET B 324 1.09 26.21 4.54
#